data_2PLC
#
_entry.id   2PLC
#
_cell.length_a   82.500
_cell.length_b   82.500
_cell.length_c   92.200
_cell.angle_alpha   90.00
_cell.angle_beta   90.00
_cell.angle_gamma   120.00
#
_symmetry.space_group_name_H-M   'P 31 2 1'
#
loop_
_entity.id
_entity.type
_entity.pdbx_description
1 polymer 'PHOSPHATIDYLINOSITOL-SPECIFIC PHOSPHOLIPASE C'
2 water water
#
_entity_poly.entity_id   1
_entity_poly.type   'polypeptide(L)'
_entity_poly.pdbx_seq_one_letter_code
;VTTKQWMSALPDTTNLAALSIPGTHDTMSYNGDITWTLTKPLAQTQTMSLYQQLEAGIRYIDIRAKDNLNIYHGPIFLNA
SLSGVLETITQFLKKNPKETIIMRLKDEQNSNDSFDYRIQPLINIYKDYFYTTPRTDTSNKIPTLKDVRGKILLLSENHT
KKPLVINSRKFGMQFGAPNQVIQDDYNGPSVKTKFKEIVQTAYQASKADNKLFLNHISATSLTFTPRQYAAALNNKVEQF
VLNLTSEKVRGLGILIMDFPEKQTIKNIIKNNKF
;
_entity_poly.pdbx_strand_id   A
#
# COMPACT_ATOMS: atom_id res chain seq x y z
N VAL A 1 4.50 -21.84 0.69
CA VAL A 1 4.72 -21.09 1.96
C VAL A 1 3.45 -20.37 2.39
N THR A 2 3.35 -20.05 3.67
CA THR A 2 2.20 -19.35 4.22
C THR A 2 2.19 -17.89 3.84
N THR A 3 1.00 -17.36 3.57
CA THR A 3 0.83 -15.96 3.22
C THR A 3 1.20 -15.06 4.40
N LYS A 4 1.19 -15.64 5.59
CA LYS A 4 1.51 -14.91 6.81
C LYS A 4 3.00 -14.54 6.90
N GLN A 5 3.85 -15.32 6.23
CA GLN A 5 5.29 -15.07 6.24
C GLN A 5 5.93 -15.34 4.88
N TRP A 6 5.27 -14.91 3.81
CA TRP A 6 5.79 -15.15 2.47
C TRP A 6 7.09 -14.43 2.12
N MET A 7 7.28 -13.21 2.61
CA MET A 7 8.49 -12.45 2.33
C MET A 7 9.74 -12.99 3.00
N SER A 8 9.56 -13.69 4.12
CA SER A 8 10.68 -14.26 4.86
C SER A 8 11.41 -15.32 4.03
N ALA A 9 10.68 -15.93 3.10
CA ALA A 9 11.23 -16.97 2.22
C ALA A 9 11.95 -16.42 0.99
N LEU A 10 12.08 -15.09 0.92
CA LEU A 10 12.76 -14.45 -0.19
C LEU A 10 14.18 -14.10 0.20
N PRO A 11 15.09 -13.96 -0.80
CA PRO A 11 16.49 -13.62 -0.54
C PRO A 11 16.66 -12.22 0.04
N ASP A 12 17.58 -12.09 0.99
CA ASP A 12 17.88 -10.79 1.62
C ASP A 12 18.42 -9.79 0.61
N THR A 13 19.01 -10.32 -0.45
CA THR A 13 19.60 -9.49 -1.51
C THR A 13 18.59 -8.97 -2.54
N THR A 14 17.38 -9.53 -2.55
CA THR A 14 16.35 -9.11 -3.49
C THR A 14 15.92 -7.68 -3.22
N ASN A 15 15.82 -6.88 -4.28
CA ASN A 15 15.40 -5.48 -4.15
C ASN A 15 13.88 -5.41 -4.09
N LEU A 16 13.37 -4.43 -3.37
CA LEU A 16 11.93 -4.26 -3.24
C LEU A 16 11.25 -4.02 -4.57
N ALA A 17 11.96 -3.37 -5.50
CA ALA A 17 11.41 -3.06 -6.83
C ALA A 17 11.33 -4.27 -7.75
N ALA A 18 12.03 -5.34 -7.37
CA ALA A 18 12.04 -6.58 -8.14
C ALA A 18 10.92 -7.54 -7.73
N LEU A 19 9.98 -7.06 -6.92
CA LEU A 19 8.89 -7.90 -6.43
C LEU A 19 7.50 -7.59 -6.96
N SER A 20 6.61 -8.56 -6.79
CA SER A 20 5.20 -8.44 -7.15
C SER A 20 4.53 -8.42 -5.77
N ILE A 21 4.00 -7.26 -5.39
CA ILE A 21 3.39 -7.11 -4.08
C ILE A 21 1.91 -6.80 -4.10
N PRO A 22 1.11 -7.54 -3.29
CA PRO A 22 -0.34 -7.34 -3.19
C PRO A 22 -0.58 -6.20 -2.21
N GLY A 23 -1.47 -5.28 -2.55
CA GLY A 23 -1.77 -4.16 -1.67
C GLY A 23 -3.24 -3.85 -1.67
N THR A 24 -3.69 -3.02 -0.73
CA THR A 24 -5.09 -2.65 -0.66
C THR A 24 -5.26 -1.13 -0.76
N HIS A 25 -6.32 -0.71 -1.46
CA HIS A 25 -6.62 0.70 -1.62
C HIS A 25 -7.58 1.07 -0.48
N ASP A 26 -7.30 2.19 0.17
CA ASP A 26 -8.12 2.67 1.29
C ASP A 26 -8.35 1.52 2.29
N THR A 27 -7.23 0.97 2.73
CA THR A 27 -7.15 -0.13 3.66
C THR A 27 -8.18 -0.21 4.79
N MET A 28 -8.39 0.93 5.47
CA MET A 28 -9.29 1.00 6.61
C MET A 28 -10.79 1.15 6.37
N SER A 29 -11.18 1.31 5.10
CA SER A 29 -12.60 1.48 4.78
C SER A 29 -13.39 0.18 4.72
N TYR A 30 -13.47 -0.50 5.86
CA TYR A 30 -14.24 -1.75 5.99
C TYR A 30 -15.15 -1.61 7.20
N ASN A 31 -15.09 -0.43 7.81
CA ASN A 31 -15.91 -0.11 8.98
C ASN A 31 -15.89 1.40 9.12
N GLY A 32 -16.84 1.94 9.86
CA GLY A 32 -16.92 3.38 10.04
C GLY A 32 -18.14 3.81 10.84
N ASP A 33 -18.35 5.12 10.92
CA ASP A 33 -19.47 5.68 11.66
C ASP A 33 -20.82 5.54 10.94
N ILE A 34 -21.84 6.19 11.48
CA ILE A 34 -23.17 6.14 10.88
C ILE A 34 -23.18 6.63 9.43
N THR A 35 -22.33 7.59 9.09
CA THR A 35 -22.26 8.11 7.72
C THR A 35 -21.68 7.06 6.78
N TRP A 36 -20.81 6.20 7.31
CA TRP A 36 -20.20 5.13 6.52
C TRP A 36 -21.27 4.11 6.12
N THR A 37 -22.17 3.78 7.05
CA THR A 37 -23.22 2.81 6.77
C THR A 37 -24.24 3.37 5.76
N LEU A 38 -24.53 4.65 5.87
CA LEU A 38 -25.48 5.33 4.97
C LEU A 38 -24.96 5.45 3.53
N THR A 39 -23.65 5.61 3.38
CA THR A 39 -23.01 5.76 2.06
C THR A 39 -22.15 4.53 1.72
N LYS A 40 -22.38 3.44 2.44
CA LYS A 40 -21.62 2.20 2.30
C LYS A 40 -21.21 1.73 0.90
N PRO A 41 -22.18 1.57 -0.03
CA PRO A 41 -21.82 1.13 -1.38
C PRO A 41 -20.79 1.99 -2.14
N LEU A 42 -20.69 3.26 -1.75
CA LEU A 42 -19.76 4.19 -2.38
C LEU A 42 -18.44 4.33 -1.60
N ALA A 43 -18.55 4.25 -0.28
CA ALA A 43 -17.42 4.41 0.62
C ALA A 43 -16.60 3.15 0.90
N GLN A 44 -17.25 2.00 0.99
CA GLN A 44 -16.54 0.76 1.30
C GLN A 44 -15.58 0.26 0.22
N THR A 45 -14.41 -0.18 0.63
CA THR A 45 -13.40 -0.72 -0.30
C THR A 45 -12.83 -2.07 0.13
N GLN A 46 -13.10 -2.45 1.38
CA GLN A 46 -12.59 -3.72 1.93
C GLN A 46 -13.61 -4.44 2.81
N THR A 47 -13.38 -5.73 3.04
CA THR A 47 -14.24 -6.52 3.92
C THR A 47 -13.39 -7.08 5.06
N MET A 48 -12.11 -7.29 4.80
CA MET A 48 -11.18 -7.79 5.79
C MET A 48 -10.63 -6.66 6.64
N SER A 49 -10.43 -6.93 7.94
CA SER A 49 -9.87 -5.92 8.83
C SER A 49 -8.38 -5.81 8.51
N LEU A 50 -7.74 -4.78 9.04
CA LEU A 50 -6.31 -4.55 8.80
C LEU A 50 -5.49 -5.79 9.10
N TYR A 51 -5.74 -6.36 10.27
CA TYR A 51 -5.00 -7.54 10.69
C TYR A 51 -5.23 -8.75 9.79
N GLN A 52 -6.45 -8.92 9.31
CA GLN A 52 -6.76 -10.05 8.43
C GLN A 52 -6.04 -9.91 7.09
N GLN A 53 -5.95 -8.67 6.62
CA GLN A 53 -5.29 -8.38 5.35
C GLN A 53 -3.80 -8.72 5.41
N LEU A 54 -3.17 -8.39 6.53
CA LEU A 54 -1.76 -8.69 6.71
C LEU A 54 -1.53 -10.20 6.72
N GLU A 55 -2.36 -10.93 7.46
CA GLU A 55 -2.25 -12.38 7.50
C GLU A 55 -2.57 -13.03 6.16
N ALA A 56 -3.33 -12.33 5.33
CA ALA A 56 -3.71 -12.82 4.00
C ALA A 56 -2.59 -12.58 2.98
N GLY A 57 -1.57 -11.81 3.36
CA GLY A 57 -0.48 -11.56 2.44
C GLY A 57 -0.31 -10.13 1.96
N ILE A 58 -1.25 -9.25 2.29
CA ILE A 58 -1.16 -7.86 1.88
C ILE A 58 0.07 -7.25 2.53
N ARG A 59 0.90 -6.58 1.72
CA ARG A 59 2.12 -5.97 2.26
C ARG A 59 2.21 -4.49 1.96
N TYR A 60 1.17 -3.96 1.33
CA TYR A 60 1.11 -2.54 1.04
C TYR A 60 -0.22 -2.06 1.58
N ILE A 61 -0.19 -1.03 2.41
CA ILE A 61 -1.44 -0.49 2.96
C ILE A 61 -1.54 1.00 2.66
N ASP A 62 -2.77 1.46 2.58
CA ASP A 62 -3.08 2.85 2.25
C ASP A 62 -3.90 3.43 3.40
N ILE A 63 -3.24 4.23 4.25
CA ILE A 63 -3.85 4.82 5.43
C ILE A 63 -4.10 6.31 5.28
N ARG A 64 -5.35 6.73 5.48
CA ARG A 64 -5.72 8.14 5.36
C ARG A 64 -6.11 8.65 6.75
N ALA A 65 -5.49 9.75 7.18
CA ALA A 65 -5.76 10.31 8.50
C ALA A 65 -5.85 11.85 8.52
N LYS A 66 -6.37 12.38 9.63
CA LYS A 66 -6.48 13.83 9.83
C LYS A 66 -5.66 14.22 11.07
N ASP A 67 -5.39 15.50 11.24
CA ASP A 67 -4.57 15.96 12.38
C ASP A 67 -5.05 15.62 13.79
N ASN A 68 -6.27 15.10 13.90
CA ASN A 68 -6.81 14.67 15.20
C ASN A 68 -6.31 13.24 15.43
N LEU A 69 -5.53 12.76 14.46
CA LEU A 69 -4.94 11.42 14.46
C LEU A 69 -5.91 10.25 14.30
N ASN A 70 -7.05 10.53 13.67
CA ASN A 70 -8.05 9.49 13.43
C ASN A 70 -8.08 9.14 11.95
N ILE A 71 -8.56 7.93 11.66
CA ILE A 71 -8.64 7.43 10.29
C ILE A 71 -9.93 7.88 9.63
N TYR A 72 -9.81 8.47 8.45
CA TYR A 72 -10.96 9.00 7.71
C TYR A 72 -11.03 8.63 6.24
N HIS A 73 -12.19 8.95 5.67
CA HIS A 73 -12.49 8.76 4.27
C HIS A 73 -13.26 10.03 3.99
N GLY A 74 -12.52 11.12 3.82
CA GLY A 74 -13.15 12.42 3.61
C GLY A 74 -13.75 12.84 4.93
N PRO A 75 -15.06 13.17 4.96
CA PRO A 75 -15.74 13.59 6.18
C PRO A 75 -16.24 12.39 6.99
N ILE A 76 -15.94 11.20 6.50
CA ILE A 76 -16.37 9.96 7.15
C ILE A 76 -15.32 9.37 8.08
N PHE A 77 -15.67 9.27 9.35
CA PHE A 77 -14.78 8.69 10.37
C PHE A 77 -14.85 7.17 10.20
N LEU A 78 -13.69 6.52 10.15
CA LEU A 78 -13.64 5.07 9.97
C LEU A 78 -13.51 4.22 11.23
N ASN A 79 -13.87 4.78 12.39
CA ASN A 79 -13.80 4.05 13.66
C ASN A 79 -12.43 3.41 13.92
N ALA A 80 -11.38 4.18 13.68
CA ALA A 80 -10.01 3.71 13.89
C ALA A 80 -9.12 4.92 14.12
N SER A 81 -8.00 4.69 14.81
CA SER A 81 -7.04 5.77 15.10
C SER A 81 -5.69 5.35 14.56
N LEU A 82 -4.81 6.31 14.34
CA LEU A 82 -3.49 6.02 13.82
C LEU A 82 -2.71 5.16 14.83
N SER A 83 -2.91 5.42 16.11
CA SER A 83 -2.23 4.67 17.17
C SER A 83 -2.68 3.22 17.11
N GLY A 84 -3.96 3.02 16.78
CA GLY A 84 -4.49 1.66 16.68
C GLY A 84 -3.86 0.94 15.51
N VAL A 85 -3.78 1.65 14.38
CA VAL A 85 -3.18 1.10 13.17
C VAL A 85 -1.71 0.74 13.41
N LEU A 86 -0.95 1.67 13.99
CA LEU A 86 0.46 1.44 14.27
C LEU A 86 0.69 0.26 15.21
N GLU A 87 -0.18 0.11 16.20
CA GLU A 87 -0.03 -1.00 17.14
C GLU A 87 -0.30 -2.33 16.46
N THR A 88 -1.26 -2.33 15.54
CA THR A 88 -1.61 -3.53 14.80
C THR A 88 -0.45 -3.92 13.89
N ILE A 89 0.05 -2.96 13.10
CA ILE A 89 1.16 -3.22 12.18
C ILE A 89 2.38 -3.73 12.93
N THR A 90 2.70 -3.02 14.00
CA THR A 90 3.82 -3.34 14.87
C THR A 90 3.72 -4.73 15.50
N GLN A 91 2.53 -5.11 15.96
CA GLN A 91 2.33 -6.43 16.55
C GLN A 91 2.54 -7.52 15.51
N PHE A 92 2.14 -7.23 14.27
CA PHE A 92 2.29 -8.19 13.19
C PHE A 92 3.77 -8.38 12.84
N LEU A 93 4.49 -7.27 12.74
CA LEU A 93 5.92 -7.30 12.44
C LEU A 93 6.75 -7.92 13.55
N LYS A 94 6.19 -7.92 14.76
CA LYS A 94 6.86 -8.48 15.93
C LYS A 94 6.71 -10.00 15.90
N LYS A 95 5.55 -10.45 15.46
CA LYS A 95 5.22 -11.87 15.37
C LYS A 95 5.89 -12.52 14.14
N ASN A 96 5.96 -11.77 13.05
CA ASN A 96 6.55 -12.24 11.80
C ASN A 96 7.61 -11.19 11.42
N PRO A 97 8.77 -11.23 12.10
CA PRO A 97 9.93 -10.33 11.95
C PRO A 97 10.69 -10.25 10.62
N LYS A 98 10.39 -11.09 9.65
CA LYS A 98 11.10 -11.04 8.38
C LYS A 98 10.30 -10.33 7.28
N GLU A 99 9.04 -10.02 7.58
CA GLU A 99 8.16 -9.35 6.63
C GLU A 99 8.41 -7.85 6.64
N THR A 100 7.98 -7.18 5.58
CA THR A 100 8.12 -5.73 5.47
C THR A 100 6.82 -5.16 4.95
N ILE A 101 6.44 -3.99 5.45
CA ILE A 101 5.21 -3.35 5.04
C ILE A 101 5.46 -1.98 4.47
N ILE A 102 4.84 -1.72 3.32
CA ILE A 102 4.95 -0.44 2.65
C ILE A 102 3.66 0.27 3.02
N MET A 103 3.77 1.47 3.58
CA MET A 103 2.61 2.20 4.02
C MET A 103 2.50 3.62 3.52
N ARG A 104 1.40 3.89 2.82
CA ARG A 104 1.12 5.22 2.32
C ARG A 104 0.33 5.92 3.42
N LEU A 105 0.85 7.03 3.91
CA LEU A 105 0.17 7.78 4.95
C LEU A 105 -0.21 9.11 4.33
N LYS A 106 -1.51 9.30 4.14
CA LYS A 106 -2.02 10.50 3.51
C LYS A 106 -2.75 11.46 4.45
N ASP A 107 -2.51 12.75 4.26
CA ASP A 107 -3.14 13.82 5.02
C ASP A 107 -4.47 14.01 4.32
N GLU A 108 -5.54 13.48 4.92
CA GLU A 108 -6.88 13.55 4.35
C GLU A 108 -7.47 14.96 4.19
N GLN A 109 -6.74 15.96 4.66
CA GLN A 109 -7.21 17.34 4.57
C GLN A 109 -6.05 18.27 4.20
N ASN A 110 -5.38 17.95 3.10
CA ASN A 110 -4.24 18.73 2.61
C ASN A 110 -4.46 20.23 2.54
N SER A 111 -3.88 20.94 3.50
CA SER A 111 -3.99 22.39 3.58
C SER A 111 -3.19 22.94 4.77
N ASN A 112 -2.60 22.04 5.55
CA ASN A 112 -1.82 22.43 6.71
C ASN A 112 -0.53 21.63 6.89
N ASP A 113 0.39 22.23 7.64
CA ASP A 113 1.67 21.60 7.96
C ASP A 113 1.60 21.11 9.40
N SER A 114 0.40 21.21 9.98
CA SER A 114 0.15 20.78 11.35
C SER A 114 0.12 19.25 11.45
N PHE A 115 -0.32 18.60 10.37
CA PHE A 115 -0.39 17.14 10.29
C PHE A 115 1.01 16.55 10.48
N ASP A 116 1.98 17.16 9.82
CA ASP A 116 3.36 16.74 9.88
C ASP A 116 3.89 16.72 11.32
N TYR A 117 3.58 17.76 12.08
CA TYR A 117 4.03 17.88 13.47
C TYR A 117 3.25 16.98 14.43
N ARG A 118 1.97 16.78 14.13
CA ARG A 118 1.09 15.95 14.97
C ARG A 118 1.44 14.47 14.96
N ILE A 119 1.75 13.92 13.78
CA ILE A 119 2.09 12.51 13.66
C ILE A 119 3.47 12.14 14.21
N GLN A 120 4.34 13.14 14.35
CA GLN A 120 5.70 12.90 14.84
C GLN A 120 5.83 12.16 16.18
N PRO A 121 5.14 12.63 17.23
CA PRO A 121 5.22 11.96 18.53
C PRO A 121 4.82 10.49 18.46
N LEU A 122 3.87 10.18 17.57
CA LEU A 122 3.37 8.82 17.39
C LEU A 122 4.36 7.94 16.63
N ILE A 123 4.89 8.48 15.54
CA ILE A 123 5.85 7.74 14.72
C ILE A 123 7.12 7.47 15.54
N ASN A 124 7.60 8.49 16.24
CA ASN A 124 8.79 8.40 17.06
C ASN A 124 8.71 7.30 18.14
N ILE A 125 7.50 7.01 18.58
CA ILE A 125 7.28 5.97 19.58
C ILE A 125 7.59 4.59 19.00
N TYR A 126 7.37 4.45 17.70
CA TYR A 126 7.59 3.18 16.99
C TYR A 126 8.75 3.25 16.01
N LYS A 127 9.69 4.16 16.25
CA LYS A 127 10.84 4.34 15.36
C LYS A 127 11.66 3.08 15.06
N ASP A 128 11.67 2.12 15.98
CA ASP A 128 12.43 0.89 15.76
C ASP A 128 11.79 0.01 14.69
N TYR A 129 10.55 0.35 14.30
CA TYR A 129 9.83 -0.40 13.28
C TYR A 129 9.77 0.34 11.95
N PHE A 130 10.49 1.45 11.86
CA PHE A 130 10.52 2.24 10.63
C PHE A 130 11.87 2.24 9.93
N TYR A 131 11.85 2.02 8.62
CA TYR A 131 13.09 2.05 7.83
C TYR A 131 13.46 3.53 7.80
N THR A 132 14.67 3.83 8.26
CA THR A 132 15.10 5.21 8.30
C THR A 132 16.53 5.40 7.82
N THR A 133 16.79 6.57 7.24
CA THR A 133 18.11 6.93 6.73
C THR A 133 18.46 8.34 7.21
N PRO A 134 19.74 8.75 7.12
CA PRO A 134 20.17 10.08 7.56
C PRO A 134 19.47 11.21 6.79
N ARG A 135 19.24 12.33 7.46
CA ARG A 135 18.58 13.49 6.84
C ARG A 135 19.43 14.06 5.71
N THR A 136 20.76 13.96 5.86
CA THR A 136 21.70 14.45 4.85
C THR A 136 22.00 13.34 3.83
N ASP A 137 20.95 12.90 3.14
CA ASP A 137 21.07 11.85 2.13
C ASP A 137 19.90 11.91 1.17
N THR A 138 20.18 12.30 -0.08
CA THR A 138 19.13 12.42 -1.09
C THR A 138 19.22 11.36 -2.18
N SER A 139 19.77 10.20 -1.84
CA SER A 139 19.94 9.09 -2.79
C SER A 139 18.63 8.44 -3.23
N ASN A 140 17.61 8.53 -2.36
CA ASN A 140 16.28 7.94 -2.59
C ASN A 140 16.28 6.63 -3.39
N LYS A 141 17.22 5.76 -3.03
CA LYS A 141 17.37 4.47 -3.67
C LYS A 141 16.51 3.43 -2.95
N ILE A 142 15.84 2.58 -3.72
CA ILE A 142 14.97 1.55 -3.15
C ILE A 142 15.82 0.48 -2.47
N PRO A 143 15.53 0.19 -1.19
CA PRO A 143 16.23 -0.80 -0.37
C PRO A 143 15.97 -2.26 -0.70
N THR A 144 16.87 -3.11 -0.23
CA THR A 144 16.76 -4.55 -0.40
C THR A 144 16.06 -5.10 0.83
N LEU A 145 15.58 -6.34 0.76
CA LEU A 145 14.88 -6.97 1.87
C LEU A 145 15.71 -7.02 3.14
N LYS A 146 17.03 -6.98 2.98
CA LYS A 146 17.92 -7.05 4.13
C LYS A 146 17.72 -5.82 5.01
N ASP A 147 17.65 -4.64 4.39
CA ASP A 147 17.49 -3.37 5.09
C ASP A 147 16.10 -3.09 5.69
N VAL A 148 15.09 -3.76 5.16
CA VAL A 148 13.71 -3.56 5.62
C VAL A 148 13.09 -4.75 6.37
N ARG A 149 13.90 -5.68 6.85
CA ARG A 149 13.36 -6.82 7.59
C ARG A 149 12.66 -6.36 8.87
N GLY A 150 11.40 -6.75 9.02
CA GLY A 150 10.62 -6.38 10.19
C GLY A 150 10.39 -4.88 10.33
N LYS A 151 10.40 -4.16 9.20
CA LYS A 151 10.21 -2.72 9.23
C LYS A 151 9.13 -2.19 8.29
N ILE A 152 8.78 -0.92 8.49
CA ILE A 152 7.78 -0.24 7.69
C ILE A 152 8.46 0.76 6.76
N LEU A 153 8.13 0.69 5.47
CA LEU A 153 8.67 1.64 4.51
C LEU A 153 7.55 2.67 4.35
N LEU A 154 7.74 3.85 4.95
CA LEU A 154 6.73 4.90 4.90
C LEU A 154 6.75 5.75 3.63
N LEU A 155 5.56 5.98 3.06
CA LEU A 155 5.42 6.82 1.88
C LEU A 155 4.51 7.96 2.30
N SER A 156 5.11 9.08 2.68
CA SER A 156 4.36 10.24 3.15
C SER A 156 3.75 11.10 2.06
N GLU A 157 2.49 11.47 2.28
CA GLU A 157 1.76 12.32 1.35
C GLU A 157 1.03 13.40 2.14
N ASN A 158 1.50 14.63 2.00
CA ASN A 158 0.89 15.76 2.68
C ASN A 158 1.21 17.08 2.01
N HIS A 159 0.78 18.17 2.65
CA HIS A 159 0.97 19.52 2.15
C HIS A 159 2.44 19.91 1.92
N THR A 160 3.32 19.48 2.82
CA THR A 160 4.76 19.79 2.72
C THR A 160 5.44 19.22 1.48
N LYS A 161 4.94 18.08 0.98
CA LYS A 161 5.51 17.42 -0.19
C LYS A 161 6.97 17.06 -0.02
N LYS A 162 7.31 16.61 1.18
CA LYS A 162 8.67 16.19 1.52
C LYS A 162 8.57 15.05 2.54
N PRO A 163 9.61 14.20 2.63
CA PRO A 163 9.61 13.07 3.57
C PRO A 163 9.62 13.46 5.05
N LEU A 164 9.04 12.61 5.88
CA LEU A 164 8.98 12.84 7.31
C LEU A 164 10.37 12.79 7.95
N VAL A 165 10.78 13.93 8.50
CA VAL A 165 12.08 14.02 9.16
C VAL A 165 11.88 14.26 10.65
N ILE A 166 12.38 13.32 11.46
CA ILE A 166 12.29 13.43 12.91
C ILE A 166 13.73 13.36 13.42
N ASN A 167 14.21 14.51 13.91
CA ASN A 167 15.57 14.68 14.42
C ASN A 167 16.55 14.71 13.25
N SER A 168 17.45 13.73 13.19
CA SER A 168 18.41 13.66 12.12
C SER A 168 18.12 12.46 11.23
N ARG A 169 16.93 11.89 11.40
CA ARG A 169 16.52 10.72 10.63
C ARG A 169 15.35 11.02 9.69
N LYS A 170 15.45 10.49 8.48
CA LYS A 170 14.42 10.65 7.45
C LYS A 170 13.65 9.33 7.42
N PHE A 171 12.39 9.38 7.87
CA PHE A 171 11.53 8.21 7.92
C PHE A 171 10.92 7.84 6.57
N GLY A 172 11.51 6.83 5.93
CA GLY A 172 11.02 6.41 4.63
C GLY A 172 11.26 7.44 3.55
N MET A 173 10.25 7.64 2.71
CA MET A 173 10.34 8.60 1.60
C MET A 173 9.00 9.26 1.28
N GLN A 174 9.04 10.19 0.35
CA GLN A 174 7.86 10.93 -0.08
C GLN A 174 7.05 10.17 -1.13
N PHE A 175 5.73 10.17 -0.96
CA PHE A 175 4.82 9.51 -1.90
C PHE A 175 4.86 10.37 -3.15
N GLY A 176 5.12 9.75 -4.29
CA GLY A 176 5.18 10.49 -5.54
C GLY A 176 6.58 10.97 -5.91
N ALA A 177 7.59 10.45 -5.18
CA ALA A 177 8.98 10.82 -5.43
C ALA A 177 9.37 10.31 -6.82
N PRO A 178 10.48 10.84 -7.38
CA PRO A 178 10.97 10.45 -8.72
C PRO A 178 11.24 8.96 -8.90
N ASN A 179 11.49 8.25 -7.81
CA ASN A 179 11.76 6.81 -7.86
C ASN A 179 10.51 5.93 -7.90
N GLN A 180 9.35 6.58 -8.00
CA GLN A 180 8.07 5.88 -8.03
C GLN A 180 7.30 6.16 -9.31
N VAL A 181 6.57 5.15 -9.78
CA VAL A 181 5.74 5.30 -10.98
C VAL A 181 4.32 4.97 -10.50
N ILE A 182 3.43 5.95 -10.59
CA ILE A 182 2.05 5.77 -10.11
C ILE A 182 0.94 5.76 -11.17
N GLN A 183 0.14 4.70 -11.16
CA GLN A 183 -1.01 4.59 -12.05
C GLN A 183 -2.20 4.69 -11.10
N ASP A 184 -2.88 5.83 -11.15
CA ASP A 184 -4.03 6.06 -10.29
C ASP A 184 -5.17 6.73 -11.04
N ASP A 185 -5.58 6.12 -12.15
CA ASP A 185 -6.69 6.64 -12.94
C ASP A 185 -7.97 6.09 -12.30
N TYR A 186 -8.44 6.78 -11.25
CA TYR A 186 -9.63 6.36 -10.52
C TYR A 186 -10.93 7.00 -10.98
N ASN A 187 -10.84 8.19 -11.57
CA ASN A 187 -12.02 8.95 -12.00
C ASN A 187 -12.86 8.38 -13.15
N GLY A 188 -13.75 7.45 -12.78
CA GLY A 188 -14.67 6.82 -13.72
C GLY A 188 -14.19 6.30 -15.07
N PRO A 189 -13.10 5.51 -15.11
CA PRO A 189 -12.66 5.01 -16.41
C PRO A 189 -13.51 3.80 -16.80
N SER A 190 -13.55 3.48 -18.09
CA SER A 190 -14.30 2.30 -18.53
C SER A 190 -13.45 1.10 -18.10
N VAL A 191 -14.09 -0.04 -17.89
CA VAL A 191 -13.38 -1.25 -17.48
C VAL A 191 -12.28 -1.60 -18.48
N LYS A 192 -12.58 -1.49 -19.77
CA LYS A 192 -11.62 -1.80 -20.85
C LYS A 192 -10.38 -0.90 -20.77
N THR A 193 -10.60 0.41 -20.63
CA THR A 193 -9.50 1.36 -20.54
C THR A 193 -8.67 1.15 -19.27
N LYS A 194 -9.35 0.99 -18.14
CA LYS A 194 -8.68 0.77 -16.87
C LYS A 194 -7.81 -0.49 -16.90
N PHE A 195 -8.31 -1.53 -17.56
CA PHE A 195 -7.56 -2.78 -17.65
C PHE A 195 -6.29 -2.55 -18.48
N LYS A 196 -6.41 -1.80 -19.58
CA LYS A 196 -5.26 -1.50 -20.43
C LYS A 196 -4.17 -0.80 -19.64
N GLU A 197 -4.56 0.20 -18.85
CA GLU A 197 -3.62 0.96 -18.03
C GLU A 197 -2.96 0.08 -16.97
N ILE A 198 -3.71 -0.88 -16.44
CA ILE A 198 -3.16 -1.79 -15.45
C ILE A 198 -2.11 -2.69 -16.12
N VAL A 199 -2.50 -3.31 -17.23
CA VAL A 199 -1.61 -4.20 -18.00
C VAL A 199 -0.34 -3.49 -18.47
N GLN A 200 -0.49 -2.28 -19.02
CA GLN A 200 0.65 -1.51 -19.49
C GLN A 200 1.63 -1.18 -18.38
N THR A 201 1.11 -0.80 -17.22
CA THR A 201 1.94 -0.45 -16.06
C THR A 201 2.65 -1.66 -15.48
N ALA A 202 2.00 -2.82 -15.53
CA ALA A 202 2.58 -4.05 -15.04
C ALA A 202 3.70 -4.47 -15.98
N TYR A 203 3.47 -4.24 -17.28
CA TYR A 203 4.45 -4.57 -18.30
C TYR A 203 5.72 -3.74 -18.11
N GLN A 204 5.56 -2.43 -17.93
CA GLN A 204 6.70 -1.54 -17.72
C GLN A 204 7.44 -1.85 -16.43
N ALA A 205 6.70 -2.24 -15.40
CA ALA A 205 7.30 -2.57 -14.12
C ALA A 205 8.23 -3.77 -14.23
N SER A 206 7.84 -4.75 -15.02
CA SER A 206 8.64 -5.96 -15.21
C SER A 206 9.98 -5.67 -15.88
N LYS A 207 10.04 -4.60 -16.68
CA LYS A 207 11.27 -4.22 -17.37
C LYS A 207 12.20 -3.35 -16.54
N ALA A 208 11.64 -2.57 -15.62
CA ALA A 208 12.44 -1.71 -14.75
C ALA A 208 12.76 -2.45 -13.44
N ASP A 209 13.81 -2.00 -12.76
CA ASP A 209 14.21 -2.62 -11.49
C ASP A 209 14.75 -1.62 -10.48
N ASN A 210 14.70 -0.34 -10.86
CA ASN A 210 15.19 0.73 -9.99
C ASN A 210 14.08 1.69 -9.57
N LYS A 211 12.82 1.32 -9.84
CA LYS A 211 11.68 2.15 -9.50
C LYS A 211 10.53 1.38 -8.90
N LEU A 212 9.77 2.04 -8.03
CA LEU A 212 8.61 1.42 -7.40
C LEU A 212 7.37 1.75 -8.21
N PHE A 213 6.63 0.73 -8.61
CA PHE A 213 5.41 0.91 -9.38
C PHE A 213 4.17 0.67 -8.52
N LEU A 214 3.35 1.71 -8.36
CA LEU A 214 2.11 1.62 -7.59
C LEU A 214 1.01 1.52 -8.65
N ASN A 215 0.56 0.29 -8.89
CA ASN A 215 -0.46 0.02 -9.90
C ASN A 215 -1.88 -0.16 -9.29
N HIS A 216 -2.69 0.90 -9.34
CA HIS A 216 -4.04 0.84 -8.80
C HIS A 216 -5.06 0.12 -9.68
N ILE A 217 -5.61 -0.96 -9.13
CA ILE A 217 -6.65 -1.72 -9.82
C ILE A 217 -7.99 -1.03 -9.50
N SER A 218 -8.03 -0.33 -8.37
CA SER A 218 -9.22 0.38 -7.89
C SER A 218 -9.70 1.58 -8.70
N ALA A 219 -11.00 1.88 -8.60
CA ALA A 219 -11.61 3.00 -9.31
C ALA A 219 -13.02 3.27 -8.74
N THR A 220 -13.55 4.45 -9.05
CA THR A 220 -14.90 4.84 -8.61
C THR A 220 -15.57 5.53 -9.77
N SER A 221 -16.90 5.60 -9.70
CA SER A 221 -17.71 6.24 -10.72
C SER A 221 -19.05 6.58 -10.08
N LEU A 222 -19.76 7.53 -10.67
CA LEU A 222 -21.07 7.93 -10.17
C LEU A 222 -22.04 6.78 -10.39
N THR A 223 -21.85 6.07 -11.50
CA THR A 223 -22.70 4.96 -11.87
C THR A 223 -22.08 3.57 -11.68
N PHE A 224 -20.89 3.52 -11.07
CA PHE A 224 -20.20 2.25 -10.83
C PHE A 224 -19.46 2.35 -9.50
N THR A 225 -19.77 1.45 -8.57
CA THR A 225 -19.16 1.47 -7.25
C THR A 225 -17.83 0.71 -7.18
N PRO A 226 -17.03 0.96 -6.12
CA PRO A 226 -15.74 0.26 -5.99
C PRO A 226 -15.94 -1.26 -6.04
N ARG A 227 -17.03 -1.72 -5.44
CA ARG A 227 -17.36 -3.14 -5.40
C ARG A 227 -17.59 -3.70 -6.81
N GLN A 228 -18.26 -2.92 -7.66
CA GLN A 228 -18.53 -3.34 -9.03
C GLN A 228 -17.27 -3.41 -9.88
N TYR A 229 -16.42 -2.40 -9.78
CA TYR A 229 -15.16 -2.37 -10.52
C TYR A 229 -14.27 -3.56 -10.17
N ALA A 230 -14.15 -3.85 -8.88
CA ALA A 230 -13.33 -4.94 -8.37
C ALA A 230 -13.83 -6.29 -8.86
N ALA A 231 -15.14 -6.45 -8.90
CA ALA A 231 -15.76 -7.69 -9.37
C ALA A 231 -15.43 -7.95 -10.84
N ALA A 232 -15.27 -6.88 -11.60
CA ALA A 232 -14.94 -7.00 -13.02
C ALA A 232 -13.45 -7.15 -13.26
N LEU A 233 -12.66 -6.34 -12.55
CA LEU A 233 -11.21 -6.29 -12.71
C LEU A 233 -10.26 -7.26 -12.01
N ASN A 234 -10.48 -7.54 -10.73
CA ASN A 234 -9.58 -8.43 -9.98
C ASN A 234 -9.31 -9.76 -10.66
N ASN A 235 -10.35 -10.37 -11.22
CA ASN A 235 -10.21 -11.65 -11.90
C ASN A 235 -9.41 -11.53 -13.20
N LYS A 236 -9.67 -10.46 -13.95
CA LYS A 236 -8.97 -10.21 -15.20
C LYS A 236 -7.49 -10.04 -14.91
N VAL A 237 -7.19 -9.28 -13.86
CA VAL A 237 -5.80 -9.03 -13.47
C VAL A 237 -5.16 -10.31 -12.94
N GLU A 238 -5.93 -11.14 -12.25
CA GLU A 238 -5.42 -12.40 -11.72
C GLU A 238 -4.98 -13.35 -12.84
N GLN A 239 -5.76 -13.43 -13.90
CA GLN A 239 -5.44 -14.29 -15.05
C GLN A 239 -4.24 -13.78 -15.80
N PHE A 240 -4.10 -12.46 -15.86
CA PHE A 240 -2.99 -11.81 -16.54
C PHE A 240 -1.68 -12.14 -15.82
N VAL A 241 -1.72 -12.10 -14.48
CA VAL A 241 -0.56 -12.39 -13.66
C VAL A 241 -0.18 -13.87 -13.77
N LEU A 242 -1.19 -14.73 -13.85
CA LEU A 242 -0.98 -16.17 -13.99
C LEU A 242 -0.26 -16.51 -15.29
N ASN A 243 -0.64 -15.80 -16.36
CA ASN A 243 -0.03 -15.99 -17.67
C ASN A 243 1.45 -15.57 -17.65
N LEU A 244 1.70 -14.37 -17.14
CA LEU A 244 3.04 -13.81 -17.03
C LEU A 244 3.98 -14.66 -16.18
N THR A 245 3.41 -15.42 -15.24
CA THR A 245 4.19 -16.28 -14.38
C THR A 245 4.66 -17.49 -15.22
N SER A 246 3.78 -17.95 -16.11
CA SER A 246 4.08 -19.07 -17.01
C SER A 246 5.20 -18.66 -17.97
N GLU A 247 5.16 -17.40 -18.36
CA GLU A 247 6.15 -16.84 -19.27
C GLU A 247 7.43 -16.45 -18.54
N LYS A 248 7.52 -16.82 -17.27
CA LYS A 248 8.68 -16.51 -16.44
C LYS A 248 8.91 -15.00 -16.24
N VAL A 249 7.82 -14.24 -16.19
CA VAL A 249 7.92 -12.80 -16.00
C VAL A 249 7.55 -12.41 -14.57
N ARG A 250 8.53 -11.91 -13.83
CA ARG A 250 8.37 -11.50 -12.43
C ARG A 250 8.54 -9.99 -12.21
N GLY A 251 8.39 -9.57 -10.95
CA GLY A 251 8.55 -8.18 -10.57
C GLY A 251 7.57 -7.19 -11.17
N LEU A 252 6.29 -7.49 -11.01
CA LEU A 252 5.22 -6.65 -11.56
C LEU A 252 4.90 -5.41 -10.72
N GLY A 253 5.60 -5.23 -9.61
CA GLY A 253 5.35 -4.07 -8.78
C GLY A 253 4.22 -4.29 -7.79
N ILE A 254 3.69 -3.19 -7.26
CA ILE A 254 2.61 -3.24 -6.29
C ILE A 254 1.23 -3.13 -6.94
N LEU A 255 0.45 -4.20 -6.81
CA LEU A 255 -0.91 -4.27 -7.37
C LEU A 255 -1.87 -3.94 -6.23
N ILE A 256 -2.41 -2.72 -6.30
CA ILE A 256 -3.31 -2.16 -5.28
C ILE A 256 -4.79 -2.37 -5.60
N MET A 257 -5.47 -3.14 -4.76
CA MET A 257 -6.86 -3.49 -4.99
C MET A 257 -7.92 -3.16 -3.94
N ASP A 258 -9.17 -3.20 -4.40
CA ASP A 258 -10.35 -3.02 -3.57
C ASP A 258 -10.90 -4.45 -3.54
N PHE A 259 -11.43 -4.86 -2.38
CA PHE A 259 -12.02 -6.18 -2.20
C PHE A 259 -11.21 -7.36 -2.77
N PRO A 260 -9.92 -7.48 -2.41
CA PRO A 260 -9.15 -8.60 -2.95
C PRO A 260 -9.53 -9.91 -2.29
N GLU A 261 -9.59 -10.97 -3.08
CA GLU A 261 -9.90 -12.30 -2.56
C GLU A 261 -8.61 -13.02 -2.18
N LYS A 262 -8.71 -13.93 -1.21
CA LYS A 262 -7.57 -14.69 -0.71
C LYS A 262 -6.81 -15.37 -1.87
N GLN A 263 -7.57 -15.87 -2.84
CA GLN A 263 -7.05 -16.55 -4.03
C GLN A 263 -6.17 -15.63 -4.88
N THR A 264 -6.70 -14.44 -5.17
CA THR A 264 -6.01 -13.45 -5.97
C THR A 264 -4.71 -13.01 -5.31
N ILE A 265 -4.75 -12.82 -4.00
CA ILE A 265 -3.58 -12.41 -3.24
C ILE A 265 -2.47 -13.46 -3.33
N LYS A 266 -2.85 -14.73 -3.19
CA LYS A 266 -1.89 -15.82 -3.26
C LYS A 266 -1.22 -15.92 -4.62
N ASN A 267 -2.00 -15.78 -5.69
CA ASN A 267 -1.48 -15.87 -7.03
C ASN A 267 -0.52 -14.74 -7.39
N ILE A 268 -0.73 -13.58 -6.79
CA ILE A 268 0.16 -12.44 -7.04
C ILE A 268 1.48 -12.73 -6.32
N ILE A 269 1.39 -13.32 -5.13
CA ILE A 269 2.58 -13.68 -4.35
C ILE A 269 3.39 -14.75 -5.10
N LYS A 270 2.68 -15.73 -5.68
CA LYS A 270 3.33 -16.83 -6.41
C LYS A 270 4.13 -16.34 -7.62
N ASN A 271 3.87 -15.12 -8.07
CA ASN A 271 4.61 -14.57 -9.21
C ASN A 271 6.09 -14.40 -8.89
N ASN A 272 6.43 -14.20 -7.62
CA ASN A 272 7.83 -14.04 -7.21
C ASN A 272 8.54 -15.39 -7.22
N LYS A 273 9.85 -15.39 -7.47
CA LYS A 273 10.61 -16.64 -7.50
C LYS A 273 11.18 -17.00 -6.13
N PHE A 274 10.81 -18.19 -5.65
CA PHE A 274 11.26 -18.70 -4.36
C PHE A 274 12.23 -19.88 -4.59
#